data_1N1Q
#
_entry.id   1N1Q
#
_cell.length_a   86.911
_cell.length_b   86.911
_cell.length_c   220.808
_cell.angle_alpha   90.00
_cell.angle_beta   90.00
_cell.angle_gamma   120.00
#
_symmetry.space_group_name_H-M   'H 3'
#
loop_
_entity.id
_entity.type
_entity.pdbx_description
1 polymer 'DPS Protein'
2 non-polymer MU-OXO-DIIRON
3 water water
#
_entity_poly.entity_id   1
_entity_poly.type   'polypeptide(L)'
_entity_poly.pdbx_seq_one_letter_code
;MKTSIQQLVAVLLNRQVANWVVLYVKLHNFHWNVNGPNFFTLHEKFEELYTEASGHIDTLAERVLSIGGSPIATLAASLE
EASIKEATGGESAAEMVSSVVNDFVDLVGELKVARDVADEADDEATADMLDAIEAGLEKHVWMLEAFLE
;
_entity_poly.pdbx_strand_id   A,B,C,D
#
# COMPACT_ATOMS: atom_id res chain seq x y z
N MET A 1 13.82 -38.60 12.81
CA MET A 1 13.03 -37.80 13.81
C MET A 1 11.56 -38.20 13.78
N LYS A 2 10.81 -37.69 12.80
CA LYS A 2 9.39 -37.98 12.67
C LYS A 2 9.16 -39.45 12.35
N THR A 3 8.04 -39.99 12.84
CA THR A 3 7.69 -41.39 12.58
C THR A 3 6.52 -41.38 11.61
N SER A 4 6.15 -42.55 11.09
CA SER A 4 5.05 -42.62 10.13
C SER A 4 3.70 -42.20 10.70
N ILE A 5 3.44 -42.51 11.97
CA ILE A 5 2.16 -42.13 12.58
C ILE A 5 2.09 -40.58 12.63
N GLN A 6 3.25 -39.95 12.87
CA GLN A 6 3.31 -38.49 12.94
C GLN A 6 3.21 -37.85 11.56
N GLN A 7 3.90 -38.42 10.58
CA GLN A 7 3.87 -37.86 9.24
C GLN A 7 2.50 -38.01 8.58
N LEU A 8 1.76 -39.06 8.96
CA LEU A 8 0.44 -39.22 8.38
C LEU A 8 -0.45 -38.03 8.73
N VAL A 9 -0.18 -37.35 9.85
CA VAL A 9 -1.05 -36.22 10.16
C VAL A 9 -0.80 -35.08 9.18
N ALA A 10 0.46 -34.78 8.91
CA ALA A 10 0.80 -33.72 7.97
C ALA A 10 0.28 -34.08 6.57
N VAL A 11 0.33 -35.35 6.22
CA VAL A 11 -0.16 -35.79 4.91
C VAL A 11 -1.67 -35.57 4.79
N LEU A 12 -2.42 -35.95 5.82
CA LEU A 12 -3.86 -35.79 5.79
C LEU A 12 -4.24 -34.32 5.81
N LEU A 13 -3.43 -33.53 6.52
CA LEU A 13 -3.66 -32.09 6.58
C LEU A 13 -3.46 -31.49 5.19
N ASN A 14 -2.38 -31.86 4.53
CA ASN A 14 -2.07 -31.36 3.19
C ASN A 14 -3.13 -31.76 2.16
N ARG A 15 -3.81 -32.87 2.42
CA ARG A 15 -4.86 -33.35 1.53
C ARG A 15 -5.97 -32.30 1.53
N GLN A 16 -6.23 -31.73 2.71
CA GLN A 16 -7.27 -30.72 2.82
C GLN A 16 -6.78 -29.38 2.32
N VAL A 17 -5.48 -29.14 2.43
CA VAL A 17 -4.90 -27.90 1.92
C VAL A 17 -5.15 -27.94 0.41
N ALA A 18 -4.88 -29.10 -0.19
CA ALA A 18 -5.08 -29.26 -1.63
C ALA A 18 -6.55 -29.09 -2.00
N ASN A 19 -7.44 -29.68 -1.20
CA ASN A 19 -8.87 -29.59 -1.46
C ASN A 19 -9.36 -28.14 -1.43
N TRP A 20 -8.95 -27.40 -0.41
CA TRP A 20 -9.37 -26.02 -0.27
C TRP A 20 -8.74 -25.08 -1.28
N VAL A 21 -7.56 -25.43 -1.78
CA VAL A 21 -6.91 -24.61 -2.80
C VAL A 21 -7.74 -24.78 -4.07
N VAL A 22 -8.19 -26.00 -4.31
CA VAL A 22 -9.04 -26.27 -5.47
C VAL A 22 -10.39 -25.55 -5.30
N LEU A 23 -10.98 -25.69 -4.11
CA LEU A 23 -12.27 -25.05 -3.84
C LEU A 23 -12.22 -23.52 -3.90
N TYR A 24 -11.09 -22.93 -3.53
CA TYR A 24 -10.99 -21.46 -3.58
C TYR A 24 -11.30 -21.01 -5.01
N VAL A 25 -10.76 -21.73 -5.98
CA VAL A 25 -10.99 -21.38 -7.38
C VAL A 25 -12.35 -21.88 -7.89
N LYS A 26 -12.79 -23.02 -7.38
CA LYS A 26 -14.07 -23.58 -7.81
C LYS A 26 -15.22 -22.66 -7.37
N LEU A 27 -15.13 -22.16 -6.15
CA LEU A 27 -16.13 -21.27 -5.60
C LEU A 27 -16.13 -19.93 -6.35
N HIS A 28 -14.96 -19.52 -6.81
CA HIS A 28 -14.83 -18.29 -7.60
C HIS A 28 -15.54 -18.55 -8.92
N ASN A 29 -15.35 -19.76 -9.43
CA ASN A 29 -15.97 -20.16 -10.70
C ASN A 29 -17.48 -19.98 -10.62
N PHE A 30 -18.07 -20.51 -9.55
CA PHE A 30 -19.50 -20.41 -9.34
C PHE A 30 -19.93 -18.96 -9.07
N HIS A 31 -19.09 -18.25 -8.33
CA HIS A 31 -19.32 -16.84 -7.99
C HIS A 31 -19.45 -16.04 -9.28
N TRP A 32 -18.58 -16.35 -10.23
CA TRP A 32 -18.54 -15.67 -11.52
C TRP A 32 -19.60 -16.09 -12.55
N ASN A 33 -19.75 -17.40 -12.71
CA ASN A 33 -20.66 -17.93 -13.72
C ASN A 33 -22.13 -18.19 -13.37
N VAL A 34 -22.49 -18.09 -12.10
CA VAL A 34 -23.88 -18.31 -11.73
C VAL A 34 -24.76 -17.28 -12.43
N ASN A 35 -26.00 -17.66 -12.73
CA ASN A 35 -26.94 -16.75 -13.36
C ASN A 35 -28.36 -17.22 -13.01
N GLY A 36 -29.36 -16.46 -13.46
CA GLY A 36 -30.73 -16.81 -13.13
C GLY A 36 -31.23 -15.88 -12.04
N PRO A 37 -32.50 -16.02 -11.61
CA PRO A 37 -33.14 -15.20 -10.58
C PRO A 37 -32.44 -15.16 -9.22
N ASN A 38 -31.66 -16.20 -8.91
CA ASN A 38 -30.95 -16.21 -7.65
C ASN A 38 -29.49 -15.78 -7.78
N PHE A 39 -29.20 -15.10 -8.88
CA PHE A 39 -27.85 -14.64 -9.15
C PHE A 39 -27.23 -13.85 -8.00
N PHE A 40 -27.92 -12.82 -7.53
CA PHE A 40 -27.40 -11.99 -6.46
C PHE A 40 -27.19 -12.74 -5.15
N THR A 41 -28.15 -13.59 -4.80
CA THR A 41 -28.05 -14.37 -3.58
C THR A 41 -26.87 -15.34 -3.65
N LEU A 42 -26.77 -16.08 -4.74
CA LEU A 42 -25.68 -17.06 -4.90
C LEU A 42 -24.33 -16.40 -5.16
N HIS A 43 -24.33 -15.32 -5.93
CA HIS A 43 -23.08 -14.59 -6.19
C HIS A 43 -22.47 -14.23 -4.84
N GLU A 44 -23.33 -13.80 -3.92
CA GLU A 44 -22.90 -13.42 -2.58
C GLU A 44 -22.50 -14.63 -1.74
N LYS A 45 -23.31 -15.69 -1.80
CA LYS A 45 -23.04 -16.90 -1.04
C LYS A 45 -21.67 -17.48 -1.39
N PHE A 46 -21.41 -17.60 -2.69
CA PHE A 46 -20.14 -18.15 -3.15
C PHE A 46 -18.94 -17.30 -2.72
N GLU A 47 -19.12 -15.99 -2.60
CA GLU A 47 -18.01 -15.15 -2.13
C GLU A 47 -17.75 -15.49 -0.66
N GLU A 48 -18.83 -15.60 0.10
CA GLU A 48 -18.74 -15.94 1.52
C GLU A 48 -17.95 -17.24 1.67
N LEU A 49 -18.26 -18.21 0.81
CA LEU A 49 -17.59 -19.51 0.86
C LEU A 49 -16.14 -19.50 0.40
N TYR A 50 -15.80 -18.75 -0.66
CA TYR A 50 -14.40 -18.76 -1.05
C TYR A 50 -13.57 -17.95 -0.05
N THR A 51 -14.22 -17.01 0.63
CA THR A 51 -13.53 -16.21 1.64
C THR A 51 -13.17 -17.16 2.78
N GLU A 52 -14.09 -18.05 3.12
CA GLU A 52 -13.83 -19.04 4.16
C GLU A 52 -12.74 -20.00 3.67
N ALA A 53 -12.79 -20.33 2.39
CA ALA A 53 -11.81 -21.23 1.79
C ALA A 53 -10.42 -20.67 1.99
N SER A 54 -10.28 -19.38 1.70
CA SER A 54 -9.01 -18.69 1.84
C SER A 54 -8.50 -18.83 3.29
N GLY A 55 -9.43 -18.79 4.25
CA GLY A 55 -9.05 -18.93 5.65
C GLY A 55 -8.61 -20.34 6.00
N HIS A 56 -9.29 -21.33 5.44
CA HIS A 56 -8.94 -22.72 5.70
C HIS A 56 -7.55 -23.03 5.13
N ILE A 57 -7.27 -22.53 3.93
CA ILE A 57 -5.98 -22.76 3.29
C ILE A 57 -4.84 -22.37 4.22
N ASP A 58 -4.92 -21.15 4.74
CA ASP A 58 -3.87 -20.63 5.61
C ASP A 58 -3.78 -21.35 6.95
N THR A 59 -4.90 -21.60 7.61
CA THR A 59 -4.88 -22.28 8.90
C THR A 59 -4.36 -23.71 8.76
N LEU A 60 -4.83 -24.42 7.75
CA LEU A 60 -4.41 -25.81 7.51
C LEU A 60 -2.90 -25.87 7.23
N ALA A 61 -2.44 -25.05 6.30
CA ALA A 61 -1.02 -25.04 5.95
C ALA A 61 -0.14 -24.67 7.14
N GLU A 62 -0.59 -23.70 7.92
CA GLU A 62 0.20 -23.30 9.08
C GLU A 62 0.18 -24.32 10.20
N ARG A 63 -0.86 -25.14 10.25
CA ARG A 63 -0.91 -26.19 11.26
C ARG A 63 0.13 -27.23 10.82
N VAL A 64 0.24 -27.45 9.51
CA VAL A 64 1.23 -28.40 8.97
C VAL A 64 2.61 -27.94 9.43
N LEU A 65 2.89 -26.66 9.25
CA LEU A 65 4.17 -26.10 9.65
C LEU A 65 4.39 -26.24 11.16
N SER A 66 3.32 -26.02 11.93
CA SER A 66 3.38 -26.11 13.38
C SER A 66 3.71 -27.50 13.90
N ILE A 67 3.48 -28.54 13.08
CA ILE A 67 3.79 -29.88 13.52
C ILE A 67 5.04 -30.43 12.82
N GLY A 68 5.75 -29.56 12.11
CA GLY A 68 6.98 -29.98 11.45
C GLY A 68 6.92 -30.43 10.00
N GLY A 69 5.79 -30.26 9.33
CA GLY A 69 5.72 -30.67 7.94
C GLY A 69 5.86 -29.48 6.99
N SER A 70 5.71 -29.76 5.70
CA SER A 70 5.77 -28.72 4.68
C SER A 70 4.42 -28.75 3.97
N PRO A 71 3.74 -27.61 3.90
CA PRO A 71 2.43 -27.51 3.24
C PRO A 71 2.43 -27.57 1.73
N ILE A 72 1.37 -28.14 1.17
CA ILE A 72 1.26 -28.19 -0.27
C ILE A 72 1.08 -26.73 -0.67
N ALA A 73 1.94 -26.27 -1.56
CA ALA A 73 1.92 -24.88 -1.97
C ALA A 73 2.18 -24.59 -3.44
N THR A 74 1.53 -25.36 -4.30
CA THR A 74 1.62 -25.16 -5.75
C THR A 74 0.29 -25.67 -6.26
N LEU A 75 -0.12 -25.19 -7.42
CA LEU A 75 -1.38 -25.62 -8.00
C LEU A 75 -1.24 -27.04 -8.50
N ALA A 76 -0.06 -27.37 -9.01
CA ALA A 76 0.22 -28.70 -9.53
C ALA A 76 0.03 -29.74 -8.44
N ALA A 77 0.63 -29.52 -7.29
CA ALA A 77 0.52 -30.45 -6.17
C ALA A 77 -0.90 -30.49 -5.60
N SER A 78 -1.59 -29.36 -5.64
CA SER A 78 -2.96 -29.29 -5.13
C SER A 78 -3.88 -30.15 -5.98
N LEU A 79 -3.74 -30.00 -7.30
CA LEU A 79 -4.53 -30.77 -8.25
C LEU A 79 -4.24 -32.26 -8.10
N GLU A 80 -2.98 -32.57 -7.87
CA GLU A 80 -2.52 -33.94 -7.71
C GLU A 80 -3.10 -34.63 -6.49
N GLU A 81 -3.12 -33.93 -5.35
CA GLU A 81 -3.59 -34.51 -4.11
C GLU A 81 -5.06 -34.31 -3.75
N ALA A 82 -5.70 -33.30 -4.32
CA ALA A 82 -7.10 -33.03 -4.02
C ALA A 82 -8.05 -34.13 -4.47
N SER A 83 -9.09 -34.37 -3.67
CA SER A 83 -10.11 -35.37 -3.99
C SER A 83 -11.28 -34.61 -4.62
N ILE A 84 -11.23 -33.28 -4.50
CA ILE A 84 -12.27 -32.42 -5.06
C ILE A 84 -12.00 -32.15 -6.56
N LYS A 85 -13.03 -32.29 -7.41
CA LYS A 85 -12.91 -32.04 -8.85
C LYS A 85 -13.20 -30.57 -9.16
N GLU A 86 -12.64 -30.08 -10.27
CA GLU A 86 -12.84 -28.69 -10.67
C GLU A 86 -14.17 -28.55 -11.38
N ALA A 87 -14.68 -27.33 -11.46
CA ALA A 87 -15.96 -27.09 -12.11
C ALA A 87 -15.88 -27.47 -13.59
N THR A 88 -17.03 -27.77 -14.18
CA THR A 88 -17.09 -28.13 -15.60
C THR A 88 -17.16 -26.88 -16.47
N GLY A 89 -17.76 -25.82 -15.92
CA GLY A 89 -17.89 -24.59 -16.66
C GLY A 89 -19.30 -24.39 -17.16
N GLY A 90 -20.09 -25.47 -17.18
CA GLY A 90 -21.46 -25.37 -17.64
C GLY A 90 -22.53 -25.65 -16.59
N GLU A 91 -22.18 -25.60 -15.31
CA GLU A 91 -23.17 -25.85 -14.27
C GLU A 91 -24.26 -24.79 -14.20
N SER A 92 -25.49 -25.23 -13.99
CA SER A 92 -26.61 -24.31 -13.84
C SER A 92 -26.51 -23.86 -12.38
N ALA A 93 -27.29 -22.84 -12.01
CA ALA A 93 -27.26 -22.35 -10.63
C ALA A 93 -27.52 -23.47 -9.63
N ALA A 94 -28.55 -24.26 -9.90
CA ALA A 94 -28.90 -25.37 -9.01
C ALA A 94 -27.80 -26.41 -8.95
N GLU A 95 -27.17 -26.69 -10.08
CA GLU A 95 -26.11 -27.69 -10.12
C GLU A 95 -24.88 -27.19 -9.35
N MET A 96 -24.69 -25.87 -9.31
CA MET A 96 -23.58 -25.29 -8.56
C MET A 96 -23.80 -25.55 -7.07
N VAL A 97 -25.00 -25.24 -6.59
CA VAL A 97 -25.34 -25.45 -5.19
C VAL A 97 -25.22 -26.93 -4.88
N SER A 98 -25.78 -27.76 -5.75
CA SER A 98 -25.76 -29.20 -5.57
C SER A 98 -24.31 -29.70 -5.56
N SER A 99 -23.45 -29.09 -6.37
CA SER A 99 -22.05 -29.47 -6.42
C SER A 99 -21.33 -29.14 -5.11
N VAL A 100 -21.64 -28.00 -4.53
CA VAL A 100 -21.02 -27.61 -3.26
C VAL A 100 -21.50 -28.56 -2.18
N VAL A 101 -22.77 -28.95 -2.24
CA VAL A 101 -23.31 -29.89 -1.27
C VAL A 101 -22.53 -31.20 -1.37
N ASN A 102 -22.35 -31.70 -2.59
CA ASN A 102 -21.62 -32.94 -2.80
C ASN A 102 -20.18 -32.84 -2.28
N ASP A 103 -19.50 -31.75 -2.62
CA ASP A 103 -18.12 -31.56 -2.17
C ASP A 103 -18.02 -31.47 -0.65
N PHE A 104 -18.87 -30.64 -0.04
CA PHE A 104 -18.83 -30.50 1.41
C PHE A 104 -19.14 -31.82 2.10
N VAL A 105 -20.05 -32.59 1.53
CA VAL A 105 -20.40 -33.88 2.11
C VAL A 105 -19.18 -34.81 2.04
N ASP A 106 -18.45 -34.76 0.93
CA ASP A 106 -17.27 -35.57 0.76
C ASP A 106 -16.22 -35.16 1.80
N LEU A 107 -16.01 -33.84 1.94
CA LEU A 107 -15.05 -33.33 2.90
C LEU A 107 -15.39 -33.71 4.34
N VAL A 108 -16.67 -33.70 4.68
CA VAL A 108 -17.08 -34.07 6.04
C VAL A 108 -16.61 -35.50 6.32
N GLY A 109 -16.78 -36.37 5.34
CA GLY A 109 -16.35 -37.75 5.50
C GLY A 109 -14.84 -37.84 5.65
N GLU A 110 -14.11 -37.09 4.83
CA GLU A 110 -12.66 -37.11 4.90
C GLU A 110 -12.18 -36.48 6.21
N LEU A 111 -12.87 -35.45 6.68
CA LEU A 111 -12.48 -34.79 7.92
C LEU A 111 -12.63 -35.75 9.10
N LYS A 112 -13.67 -36.58 9.08
CA LYS A 112 -13.87 -37.54 10.16
C LYS A 112 -12.71 -38.53 10.20
N VAL A 113 -12.29 -39.00 9.02
CA VAL A 113 -11.18 -39.94 8.95
C VAL A 113 -9.87 -39.31 9.41
N ALA A 114 -9.60 -38.09 8.95
CA ALA A 114 -8.38 -37.38 9.32
C ALA A 114 -8.32 -37.11 10.83
N ARG A 115 -9.45 -36.73 11.41
CA ARG A 115 -9.50 -36.47 12.84
C ARG A 115 -9.15 -37.73 13.61
N ASP A 116 -9.70 -38.85 13.18
CA ASP A 116 -9.43 -40.12 13.85
C ASP A 116 -7.95 -40.45 13.81
N VAL A 117 -7.32 -40.18 12.67
CA VAL A 117 -5.90 -40.44 12.54
C VAL A 117 -5.10 -39.47 13.40
N ALA A 118 -5.52 -38.22 13.47
CA ALA A 118 -4.84 -37.24 14.30
C ALA A 118 -4.98 -37.64 15.75
N ASP A 119 -6.19 -38.03 16.15
CA ASP A 119 -6.43 -38.44 17.53
C ASP A 119 -5.54 -39.62 17.92
N GLU A 120 -5.36 -40.56 16.99
CA GLU A 120 -4.55 -41.74 17.26
C GLU A 120 -3.06 -41.40 17.38
N ALA A 121 -2.66 -40.27 16.81
CA ALA A 121 -1.27 -39.83 16.89
C ALA A 121 -1.15 -38.87 18.06
N ASP A 122 -2.21 -38.80 18.87
CA ASP A 122 -2.25 -37.91 20.01
C ASP A 122 -2.02 -36.46 19.58
N ASP A 123 -2.57 -36.10 18.42
CA ASP A 123 -2.45 -34.75 17.91
C ASP A 123 -3.86 -34.16 17.97
N GLU A 124 -4.31 -33.87 19.18
CA GLU A 124 -5.64 -33.33 19.44
C GLU A 124 -5.84 -31.94 18.85
N ALA A 125 -4.78 -31.13 18.83
CA ALA A 125 -4.87 -29.78 18.29
C ALA A 125 -5.25 -29.85 16.81
N THR A 126 -4.67 -30.80 16.10
CA THR A 126 -4.99 -30.95 14.68
C THR A 126 -6.44 -31.43 14.53
N ALA A 127 -6.82 -32.41 15.35
CA ALA A 127 -8.16 -32.94 15.31
C ALA A 127 -9.18 -31.83 15.55
N ASP A 128 -8.90 -30.97 16.53
CA ASP A 128 -9.80 -29.89 16.87
C ASP A 128 -9.99 -28.90 15.71
N MET A 129 -8.90 -28.54 15.04
CA MET A 129 -9.00 -27.60 13.92
C MET A 129 -9.84 -28.21 12.80
N LEU A 130 -9.60 -29.49 12.54
CA LEU A 130 -10.35 -30.18 11.49
C LEU A 130 -11.83 -30.25 11.87
N ASP A 131 -12.10 -30.43 13.16
CA ASP A 131 -13.46 -30.50 13.66
C ASP A 131 -14.20 -29.18 13.41
N ALA A 132 -13.51 -28.06 13.66
CA ALA A 132 -14.10 -26.75 13.43
C ALA A 132 -14.52 -26.57 11.97
N ILE A 133 -13.68 -27.03 11.04
CA ILE A 133 -14.01 -26.91 9.62
C ILE A 133 -15.22 -27.80 9.35
N GLU A 134 -15.19 -29.02 9.88
CA GLU A 134 -16.27 -29.98 9.70
C GLU A 134 -17.63 -29.45 10.17
N ALA A 135 -17.66 -28.90 11.38
CA ALA A 135 -18.89 -28.35 11.94
C ALA A 135 -19.47 -27.28 11.03
N GLY A 136 -18.60 -26.43 10.49
CA GLY A 136 -19.04 -25.36 9.61
C GLY A 136 -19.63 -25.90 8.31
N LEU A 137 -19.02 -26.95 7.76
CA LEU A 137 -19.51 -27.54 6.53
C LEU A 137 -20.88 -28.18 6.73
N GLU A 138 -21.05 -28.87 7.85
CA GLU A 138 -22.32 -29.51 8.14
C GLU A 138 -23.44 -28.48 8.21
N LYS A 139 -23.15 -27.30 8.72
CA LYS A 139 -24.15 -26.25 8.81
C LYS A 139 -24.46 -25.73 7.42
N HIS A 140 -23.42 -25.51 6.62
CA HIS A 140 -23.61 -25.06 5.24
C HIS A 140 -24.42 -26.07 4.46
N VAL A 141 -24.15 -27.35 4.70
CA VAL A 141 -24.86 -28.41 3.99
C VAL A 141 -26.37 -28.35 4.24
N TRP A 142 -26.77 -28.13 5.49
CA TRP A 142 -28.19 -28.04 5.79
C TRP A 142 -28.82 -26.88 5.00
N MET A 143 -28.18 -25.71 5.04
CA MET A 143 -28.69 -24.55 4.33
C MET A 143 -28.77 -24.71 2.82
N LEU A 144 -27.72 -25.25 2.22
CA LEU A 144 -27.69 -25.43 0.77
C LEU A 144 -28.73 -26.45 0.30
N GLU A 145 -28.93 -27.50 1.11
CA GLU A 145 -29.92 -28.52 0.75
C GLU A 145 -31.32 -27.93 0.88
N ALA A 146 -31.53 -27.10 1.91
CA ALA A 146 -32.84 -26.47 2.10
C ALA A 146 -33.17 -25.60 0.90
N PHE A 147 -32.16 -24.89 0.40
CA PHE A 147 -32.31 -24.03 -0.77
C PHE A 147 -32.79 -24.82 -1.98
N LEU A 148 -32.28 -26.04 -2.12
CA LEU A 148 -32.62 -26.92 -3.23
C LEU A 148 -33.97 -27.61 -3.13
N GLU A 149 -34.54 -27.65 -1.94
CA GLU A 149 -35.84 -28.30 -1.74
C GLU A 149 -36.99 -27.56 -2.41
N MET B 1 -23.04 -6.45 -31.48
CA MET B 1 -22.35 -7.48 -30.64
C MET B 1 -20.87 -7.17 -30.55
N LYS B 2 -20.21 -7.80 -29.58
CA LYS B 2 -18.78 -7.60 -29.41
C LYS B 2 -18.06 -8.10 -30.65
N THR B 3 -17.02 -7.37 -31.06
CA THR B 3 -16.24 -7.73 -32.24
C THR B 3 -15.11 -8.68 -31.89
N SER B 4 -14.34 -9.08 -32.91
CA SER B 4 -13.22 -9.99 -32.71
C SER B 4 -12.12 -9.33 -31.89
N ILE B 5 -11.81 -8.07 -32.20
CA ILE B 5 -10.78 -7.35 -31.45
C ILE B 5 -11.18 -7.24 -29.98
N GLN B 6 -12.47 -7.04 -29.73
CA GLN B 6 -12.96 -6.93 -28.36
C GLN B 6 -12.89 -8.27 -27.64
N GLN B 7 -12.84 -9.37 -28.40
CA GLN B 7 -12.76 -10.69 -27.81
C GLN B 7 -11.31 -11.14 -27.53
N LEU B 8 -10.34 -10.52 -28.22
CA LEU B 8 -8.93 -10.87 -27.98
C LEU B 8 -8.52 -10.28 -26.64
N VAL B 9 -9.25 -9.27 -26.23
CA VAL B 9 -9.02 -8.61 -24.96
C VAL B 9 -9.31 -9.60 -23.83
N ALA B 10 -10.39 -10.37 -23.98
CA ALA B 10 -10.75 -11.35 -22.96
C ALA B 10 -9.63 -12.38 -22.80
N VAL B 11 -8.97 -12.73 -23.90
CA VAL B 11 -7.89 -13.70 -23.84
C VAL B 11 -6.70 -13.17 -23.05
N LEU B 12 -6.35 -11.91 -23.30
CA LEU B 12 -5.23 -11.29 -22.59
C LEU B 12 -5.58 -11.10 -21.13
N LEU B 13 -6.85 -10.81 -20.86
CA LEU B 13 -7.31 -10.63 -19.49
C LEU B 13 -7.18 -11.97 -18.75
N ASN B 14 -7.65 -13.04 -19.39
CA ASN B 14 -7.59 -14.37 -18.77
C ASN B 14 -6.16 -14.83 -18.52
N ARG B 15 -5.22 -14.30 -19.28
CA ARG B 15 -3.81 -14.64 -19.14
C ARG B 15 -3.37 -14.14 -17.77
N GLN B 16 -3.86 -12.97 -17.39
CA GLN B 16 -3.51 -12.39 -16.10
C GLN B 16 -4.31 -13.06 -14.99
N VAL B 17 -5.52 -13.51 -15.31
CA VAL B 17 -6.32 -14.22 -14.32
C VAL B 17 -5.53 -15.46 -13.94
N ALA B 18 -4.98 -16.14 -14.95
CA ALA B 18 -4.18 -17.34 -14.73
C ALA B 18 -2.92 -17.01 -13.93
N ASN B 19 -2.26 -15.91 -14.29
CA ASN B 19 -1.04 -15.51 -13.59
C ASN B 19 -1.29 -15.25 -12.12
N TRP B 20 -2.35 -14.51 -11.81
CA TRP B 20 -2.66 -14.18 -10.42
C TRP B 20 -3.19 -15.37 -9.62
N VAL B 21 -3.80 -16.34 -10.31
CA VAL B 21 -4.28 -17.53 -9.61
C VAL B 21 -3.03 -18.29 -9.18
N VAL B 22 -2.03 -18.34 -10.07
CA VAL B 22 -0.76 -19.00 -9.75
C VAL B 22 -0.07 -18.23 -8.61
N LEU B 23 -0.01 -16.91 -8.73
CA LEU B 23 0.64 -16.07 -7.73
C LEU B 23 -0.02 -16.13 -6.35
N TYR B 24 -1.34 -16.28 -6.31
CA TYR B 24 -2.04 -16.37 -5.03
C TYR B 24 -1.43 -17.51 -4.23
N VAL B 25 -1.17 -18.63 -4.88
CA VAL B 25 -0.59 -19.78 -4.19
C VAL B 25 0.92 -19.66 -4.01
N LYS B 26 1.59 -19.02 -4.96
CA LYS B 26 3.04 -18.84 -4.88
C LYS B 26 3.39 -17.93 -3.70
N LEU B 27 2.61 -16.86 -3.53
CA LEU B 27 2.83 -15.92 -2.45
C LEU B 27 2.53 -16.58 -1.10
N HIS B 28 1.58 -17.51 -1.09
CA HIS B 28 1.25 -18.25 0.13
C HIS B 28 2.46 -19.14 0.43
N ASN B 29 3.03 -19.71 -0.62
CA ASN B 29 4.21 -20.56 -0.49
C ASN B 29 5.31 -19.80 0.24
N PHE B 30 5.61 -18.60 -0.23
CA PHE B 30 6.64 -17.77 0.37
C PHE B 30 6.24 -17.33 1.77
N HIS B 31 4.97 -17.00 1.95
CA HIS B 31 4.42 -16.59 3.24
C HIS B 31 4.69 -17.69 4.27
N TRP B 32 4.47 -18.93 3.86
CA TRP B 32 4.66 -20.10 4.71
C TRP B 32 6.10 -20.54 4.93
N ASN B 33 6.87 -20.63 3.86
CA ASN B 33 8.23 -21.15 3.94
C ASN B 33 9.39 -20.19 4.20
N VAL B 34 9.13 -18.89 4.17
CA VAL B 34 10.22 -17.94 4.42
C VAL B 34 10.75 -18.16 5.84
N ASN B 35 12.04 -17.90 6.03
CA ASN B 35 12.66 -18.03 7.34
C ASN B 35 13.86 -17.09 7.40
N GLY B 36 14.52 -17.03 8.57
CA GLY B 36 15.64 -16.14 8.71
C GLY B 36 15.22 -14.93 9.52
N PRO B 37 16.13 -13.99 9.80
CA PRO B 37 15.90 -12.77 10.59
C PRO B 37 14.78 -11.87 10.09
N ASN B 38 14.47 -11.95 8.80
CA ASN B 38 13.41 -11.13 8.25
C ASN B 38 12.10 -11.89 8.11
N PHE B 39 12.00 -13.01 8.81
CA PHE B 39 10.81 -13.83 8.76
C PHE B 39 9.50 -13.06 8.99
N PHE B 40 9.42 -12.33 10.11
CA PHE B 40 8.21 -11.60 10.44
C PHE B 40 7.85 -10.52 9.42
N THR B 41 8.86 -9.80 8.94
CA THR B 41 8.64 -8.76 7.95
C THR B 41 8.14 -9.34 6.63
N LEU B 42 8.82 -10.38 6.15
CA LEU B 42 8.43 -11.01 4.89
C LEU B 42 7.14 -11.83 5.01
N HIS B 43 6.97 -12.51 6.14
CA HIS B 43 5.75 -13.30 6.36
C HIS B 43 4.57 -12.35 6.17
N GLU B 44 4.71 -11.14 6.72
CA GLU B 44 3.68 -10.12 6.62
C GLU B 44 3.55 -9.55 5.21
N LYS B 45 4.68 -9.25 4.59
CA LYS B 45 4.68 -8.71 3.23
C LYS B 45 3.98 -9.65 2.25
N PHE B 46 4.32 -10.92 2.30
CA PHE B 46 3.73 -11.90 1.40
C PHE B 46 2.22 -12.03 1.61
N GLU B 47 1.74 -11.82 2.84
CA GLU B 47 0.29 -11.90 3.07
C GLU B 47 -0.35 -10.70 2.38
N GLU B 48 0.28 -9.54 2.53
CA GLU B 48 -0.20 -8.32 1.91
C GLU B 48 -0.34 -8.55 0.41
N LEU B 49 0.69 -9.18 -0.17
CA LEU B 49 0.69 -9.45 -1.60
C LEU B 49 -0.31 -10.51 -2.06
N TYR B 50 -0.48 -11.60 -1.31
CA TYR B 50 -1.47 -12.57 -1.79
C TYR B 50 -2.88 -12.02 -1.58
N THR B 51 -3.04 -11.13 -0.61
CA THR B 51 -4.35 -10.53 -0.37
C THR B 51 -4.68 -9.66 -1.60
N GLU B 52 -3.67 -8.96 -2.11
CA GLU B 52 -3.86 -8.14 -3.31
C GLU B 52 -4.13 -9.08 -4.49
N ALA B 53 -3.43 -10.21 -4.52
CA ALA B 53 -3.59 -11.19 -5.58
C ALA B 53 -5.05 -11.62 -5.66
N SER B 54 -5.61 -11.92 -4.49
CA SER B 54 -6.99 -12.35 -4.40
C SER B 54 -7.92 -11.29 -5.02
N GLY B 55 -7.57 -10.02 -4.81
CA GLY B 55 -8.36 -8.94 -5.35
C GLY B 55 -8.23 -8.84 -6.87
N HIS B 56 -7.03 -9.06 -7.39
CA HIS B 56 -6.80 -8.99 -8.83
C HIS B 56 -7.56 -10.10 -9.54
N ILE B 57 -7.53 -11.29 -8.97
CA ILE B 57 -8.22 -12.45 -9.55
C ILE B 57 -9.69 -12.11 -9.81
N ASP B 58 -10.37 -11.60 -8.79
CA ASP B 58 -11.79 -11.29 -8.90
C ASP B 58 -12.07 -10.14 -9.86
N THR B 59 -11.32 -9.05 -9.78
CA THR B 59 -11.54 -7.91 -10.66
C THR B 59 -11.29 -8.27 -12.12
N LEU B 60 -10.19 -8.99 -12.37
CA LEU B 60 -9.83 -9.39 -13.73
C LEU B 60 -10.90 -10.32 -14.32
N ALA B 61 -11.28 -11.34 -13.57
CA ALA B 61 -12.28 -12.29 -14.04
C ALA B 61 -13.62 -11.61 -14.31
N GLU B 62 -14.01 -10.70 -13.41
CA GLU B 62 -15.28 -10.02 -13.59
C GLU B 62 -15.25 -9.01 -14.74
N ARG B 63 -14.07 -8.51 -15.07
CA ARG B 63 -13.96 -7.60 -16.20
C ARG B 63 -14.17 -8.46 -17.46
N VAL B 64 -13.65 -9.68 -17.43
CA VAL B 64 -13.83 -10.61 -18.55
C VAL B 64 -15.32 -10.81 -18.78
N LEU B 65 -16.04 -11.07 -17.69
CA LEU B 65 -17.48 -11.27 -17.76
C LEU B 65 -18.18 -10.01 -18.28
N SER B 66 -17.71 -8.85 -17.83
CA SER B 66 -18.30 -7.59 -18.23
C SER B 66 -18.15 -7.27 -19.71
N ILE B 67 -17.21 -7.92 -20.38
CA ILE B 67 -17.04 -7.68 -21.80
C ILE B 67 -17.52 -8.87 -22.63
N GLY B 68 -18.21 -9.80 -21.99
CA GLY B 68 -18.75 -10.94 -22.71
C GLY B 68 -17.95 -12.22 -22.79
N GLY B 69 -16.84 -12.32 -22.06
CA GLY B 69 -16.06 -13.54 -22.11
C GLY B 69 -16.30 -14.44 -20.92
N SER B 70 -15.56 -15.55 -20.84
CA SER B 70 -15.66 -16.47 -19.72
C SER B 70 -14.29 -16.53 -19.09
N PRO B 71 -14.21 -16.27 -17.78
CA PRO B 71 -12.94 -16.27 -17.05
C PRO B 71 -12.33 -17.63 -16.80
N ILE B 72 -11.01 -17.65 -16.77
CA ILE B 72 -10.33 -18.90 -16.48
C ILE B 72 -10.65 -19.15 -15.01
N ALA B 73 -11.18 -20.33 -14.76
CA ALA B 73 -11.62 -20.67 -13.43
C ALA B 73 -11.39 -22.10 -12.96
N THR B 74 -10.20 -22.61 -13.24
CA THR B 74 -9.77 -23.94 -12.82
C THR B 74 -8.27 -23.82 -12.67
N LEU B 75 -7.68 -24.67 -11.83
CA LEU B 75 -6.25 -24.62 -11.63
C LEU B 75 -5.55 -25.16 -12.88
N ALA B 76 -6.18 -26.15 -13.51
CA ALA B 76 -5.61 -26.76 -14.71
C ALA B 76 -5.43 -25.72 -15.81
N ALA B 77 -6.47 -24.93 -16.06
CA ALA B 77 -6.42 -23.89 -17.09
C ALA B 77 -5.46 -22.76 -16.68
N SER B 78 -5.39 -22.47 -15.38
CA SER B 78 -4.50 -21.41 -14.91
C SER B 78 -3.06 -21.80 -15.17
N LEU B 79 -2.71 -23.03 -14.81
CA LEU B 79 -1.35 -23.54 -15.01
C LEU B 79 -1.01 -23.56 -16.48
N GLU B 80 -2.00 -23.91 -17.30
CA GLU B 80 -1.84 -23.97 -18.72
C GLU B 80 -1.55 -22.63 -19.38
N GLU B 81 -2.26 -21.60 -18.96
CA GLU B 81 -2.12 -20.28 -19.55
C GLU B 81 -1.14 -19.31 -18.87
N ALA B 82 -0.86 -19.52 -17.60
CA ALA B 82 0.04 -18.62 -16.87
C ALA B 82 1.47 -18.61 -17.39
N SER B 83 2.09 -17.43 -17.36
CA SER B 83 3.48 -17.28 -17.80
C SER B 83 4.34 -17.31 -16.55
N ILE B 84 3.67 -17.21 -15.41
CA ILE B 84 4.36 -17.24 -14.11
C ILE B 84 4.58 -18.68 -13.67
N LYS B 85 5.80 -18.98 -13.22
CA LYS B 85 6.11 -20.33 -12.76
C LYS B 85 5.75 -20.44 -11.29
N GLU B 86 5.61 -21.67 -10.84
CA GLU B 86 5.29 -21.94 -9.45
C GLU B 86 6.61 -21.98 -8.68
N ALA B 87 6.53 -21.83 -7.36
CA ALA B 87 7.73 -21.85 -6.54
C ALA B 87 8.41 -23.22 -6.63
N THR B 88 9.71 -23.25 -6.34
CA THR B 88 10.47 -24.50 -6.38
C THR B 88 10.33 -25.25 -5.06
N GLY B 89 10.16 -24.50 -3.98
CA GLY B 89 10.01 -25.11 -2.67
C GLY B 89 11.27 -24.93 -1.85
N GLY B 90 12.37 -24.59 -2.51
CA GLY B 90 13.63 -24.41 -1.80
C GLY B 90 14.21 -23.00 -1.83
N GLU B 91 13.39 -22.00 -2.17
CA GLU B 91 13.89 -20.62 -2.22
C GLU B 91 14.28 -20.09 -0.85
N SER B 92 15.38 -19.35 -0.81
CA SER B 92 15.85 -18.73 0.43
C SER B 92 15.00 -17.47 0.52
N ALA B 93 15.03 -16.79 1.67
CA ALA B 93 14.24 -15.58 1.84
C ALA B 93 14.54 -14.56 0.73
N ALA B 94 15.83 -14.35 0.45
CA ALA B 94 16.23 -13.39 -0.56
C ALA B 94 15.77 -13.82 -1.96
N GLU B 95 15.83 -15.11 -2.24
CA GLU B 95 15.40 -15.61 -3.54
C GLU B 95 13.90 -15.47 -3.70
N MET B 96 13.17 -15.51 -2.58
CA MET B 96 11.71 -15.33 -2.63
C MET B 96 11.42 -13.89 -3.06
N VAL B 97 12.06 -12.93 -2.41
CA VAL B 97 11.86 -11.52 -2.74
C VAL B 97 12.28 -11.30 -4.20
N SER B 98 13.45 -11.81 -4.55
CA SER B 98 13.97 -11.68 -5.90
C SER B 98 13.02 -12.30 -6.92
N SER B 99 12.39 -13.41 -6.53
CA SER B 99 11.43 -14.08 -7.41
C SER B 99 10.19 -13.21 -7.64
N VAL B 100 9.71 -12.55 -6.60
CA VAL B 100 8.55 -11.70 -6.74
C VAL B 100 8.92 -10.50 -7.61
N VAL B 101 10.14 -10.01 -7.47
CA VAL B 101 10.60 -8.91 -8.28
C VAL B 101 10.58 -9.34 -9.75
N ASN B 102 11.12 -10.53 -10.04
CA ASN B 102 11.15 -11.03 -11.41
C ASN B 102 9.74 -11.19 -11.98
N ASP B 103 8.85 -11.79 -11.18
CA ASP B 103 7.47 -12.00 -11.62
C ASP B 103 6.74 -10.68 -11.87
N PHE B 104 6.83 -9.76 -10.92
CA PHE B 104 6.17 -8.46 -11.08
C PHE B 104 6.71 -7.72 -12.30
N VAL B 105 8.02 -7.82 -12.52
CA VAL B 105 8.63 -7.15 -13.67
C VAL B 105 8.07 -7.75 -14.96
N ASP B 106 7.91 -9.06 -14.98
CA ASP B 106 7.37 -9.73 -16.15
C ASP B 106 5.92 -9.26 -16.37
N LEU B 107 5.12 -9.23 -15.30
CA LEU B 107 3.74 -8.78 -15.38
C LEU B 107 3.60 -7.34 -15.86
N VAL B 108 4.51 -6.47 -15.43
CA VAL B 108 4.45 -5.07 -15.86
C VAL B 108 4.58 -5.03 -17.37
N GLY B 109 5.48 -5.84 -17.91
CA GLY B 109 5.67 -5.88 -19.35
C GLY B 109 4.42 -6.40 -20.03
N GLU B 110 3.83 -7.47 -19.50
CA GLU B 110 2.63 -8.04 -20.08
C GLU B 110 1.44 -7.10 -19.96
N LEU B 111 1.39 -6.36 -18.85
CA LEU B 111 0.29 -5.42 -18.65
C LEU B 111 0.35 -4.29 -19.68
N LYS B 112 1.56 -3.84 -20.01
CA LYS B 112 1.72 -2.78 -21.01
C LYS B 112 1.19 -3.26 -22.35
N VAL B 113 1.52 -4.50 -22.72
CA VAL B 113 1.07 -5.05 -23.99
C VAL B 113 -0.46 -5.20 -24.01
N ALA B 114 -1.02 -5.74 -22.94
CA ALA B 114 -2.46 -5.93 -22.84
C ALA B 114 -3.23 -4.61 -22.91
N ARG B 115 -2.71 -3.59 -22.24
CA ARG B 115 -3.35 -2.28 -22.25
C ARG B 115 -3.38 -1.73 -23.68
N ASP B 116 -2.27 -1.89 -24.39
CA ASP B 116 -2.21 -1.39 -25.76
C ASP B 116 -3.25 -2.08 -26.62
N VAL B 117 -3.44 -3.38 -26.41
CA VAL B 117 -4.43 -4.12 -27.17
C VAL B 117 -5.83 -3.68 -26.78
N ALA B 118 -6.06 -3.45 -25.49
CA ALA B 118 -7.36 -3.02 -25.03
C ALA B 118 -7.65 -1.63 -25.60
N ASP B 119 -6.65 -0.75 -25.58
CA ASP B 119 -6.81 0.59 -26.12
C ASP B 119 -7.17 0.56 -27.59
N GLU B 120 -6.56 -0.36 -28.33
CA GLU B 120 -6.81 -0.48 -29.77
C GLU B 120 -8.22 -1.00 -30.05
N ALA B 121 -8.79 -1.72 -29.09
CA ALA B 121 -10.14 -2.25 -29.25
C ALA B 121 -11.13 -1.26 -28.66
N ASP B 122 -10.62 -0.07 -28.33
CA ASP B 122 -11.42 0.97 -27.72
C ASP B 122 -12.07 0.49 -26.42
N ASP B 123 -11.33 -0.33 -25.68
CA ASP B 123 -11.80 -0.85 -24.40
C ASP B 123 -10.95 -0.18 -23.32
N GLU B 124 -11.18 1.12 -23.13
CA GLU B 124 -10.44 1.92 -22.16
C GLU B 124 -10.66 1.49 -20.72
N ALA B 125 -11.86 1.00 -20.41
CA ALA B 125 -12.16 0.55 -19.06
C ALA B 125 -11.24 -0.61 -18.68
N THR B 126 -10.99 -1.50 -19.64
CA THR B 126 -10.11 -2.62 -19.37
C THR B 126 -8.69 -2.11 -19.20
N ALA B 127 -8.27 -1.23 -20.09
CA ALA B 127 -6.92 -0.66 -20.04
C ALA B 127 -6.68 0.01 -18.69
N ASP B 128 -7.67 0.76 -18.22
CA ASP B 128 -7.56 1.46 -16.95
C ASP B 128 -7.39 0.51 -15.77
N MET B 129 -8.14 -0.58 -15.75
CA MET B 129 -8.03 -1.54 -14.65
C MET B 129 -6.63 -2.17 -14.66
N LEU B 130 -6.16 -2.52 -15.85
CA LEU B 130 -4.85 -3.12 -16.00
C LEU B 130 -3.77 -2.15 -15.54
N ASP B 131 -3.98 -0.87 -15.85
CA ASP B 131 -3.04 0.19 -15.48
C ASP B 131 -2.93 0.30 -13.96
N ALA B 132 -4.06 0.20 -13.27
CA ALA B 132 -4.06 0.27 -11.80
C ALA B 132 -3.24 -0.88 -11.21
N ILE B 133 -3.32 -2.07 -11.79
CA ILE B 133 -2.54 -3.21 -11.29
C ILE B 133 -1.08 -2.91 -11.54
N GLU B 134 -0.80 -2.46 -12.77
CA GLU B 134 0.57 -2.14 -13.16
C GLU B 134 1.26 -1.11 -12.25
N ALA B 135 0.55 -0.02 -11.97
CA ALA B 135 1.10 1.04 -11.11
C ALA B 135 1.47 0.47 -9.74
N GLY B 136 0.62 -0.39 -9.21
CA GLY B 136 0.88 -0.99 -7.92
C GLY B 136 2.10 -1.89 -7.92
N LEU B 137 2.27 -2.66 -9.00
CA LEU B 137 3.42 -3.55 -9.12
C LEU B 137 4.73 -2.77 -9.21
N GLU B 138 4.70 -1.68 -9.97
CA GLU B 138 5.90 -0.86 -10.13
C GLU B 138 6.34 -0.31 -8.77
N LYS B 139 5.38 0.02 -7.92
CA LYS B 139 5.71 0.53 -6.59
C LYS B 139 6.30 -0.58 -5.73
N HIS B 140 5.69 -1.77 -5.80
CA HIS B 140 6.18 -2.92 -5.04
C HIS B 140 7.59 -3.26 -5.50
N VAL B 141 7.82 -3.17 -6.80
CA VAL B 141 9.14 -3.49 -7.35
C VAL B 141 10.23 -2.59 -6.75
N TRP B 142 9.96 -1.30 -6.64
CA TRP B 142 10.96 -0.41 -6.05
C TRP B 142 11.28 -0.84 -4.61
N MET B 143 10.25 -1.08 -3.83
CA MET B 143 10.43 -1.49 -2.44
C MET B 143 11.17 -2.81 -2.27
N LEU B 144 10.78 -3.83 -3.04
CA LEU B 144 11.41 -5.13 -2.93
C LEU B 144 12.89 -5.09 -3.37
N GLU B 145 13.18 -4.30 -4.39
CA GLU B 145 14.56 -4.18 -4.85
C GLU B 145 15.39 -3.45 -3.80
N ALA B 146 14.79 -2.44 -3.17
CA ALA B 146 15.50 -1.68 -2.13
C ALA B 146 15.88 -2.62 -0.99
N PHE B 147 14.94 -3.49 -0.64
CA PHE B 147 15.14 -4.48 0.41
C PHE B 147 16.37 -5.35 0.12
N LEU B 148 16.53 -5.71 -1.16
CA LEU B 148 17.64 -6.56 -1.59
C LEU B 148 18.99 -5.87 -1.72
N GLU B 149 18.98 -4.55 -1.78
CA GLU B 149 20.23 -3.80 -1.89
C GLU B 149 21.12 -3.91 -0.65
N SER C 4 14.17 24.62 -25.76
CA SER C 4 13.20 23.50 -25.84
C SER C 4 12.66 23.07 -24.47
N ILE C 5 11.88 21.98 -24.46
CA ILE C 5 11.22 21.49 -23.26
C ILE C 5 11.79 20.26 -22.53
N GLN C 6 11.55 20.22 -21.22
CA GLN C 6 12.01 19.13 -20.34
C GLN C 6 11.30 17.82 -20.69
N GLN C 7 12.09 16.77 -20.87
CA GLN C 7 11.52 15.48 -21.22
C GLN C 7 11.82 14.32 -20.28
N LEU C 8 12.57 14.58 -19.20
CA LEU C 8 12.84 13.50 -18.25
C LEU C 8 11.64 13.45 -17.32
N VAL C 9 10.94 12.33 -17.33
CA VAL C 9 9.75 12.18 -16.51
C VAL C 9 10.07 12.41 -15.03
N ALA C 10 11.16 11.84 -14.56
CA ALA C 10 11.56 12.01 -13.17
C ALA C 10 11.81 13.48 -12.86
N VAL C 11 12.36 14.21 -13.82
CA VAL C 11 12.62 15.64 -13.61
C VAL C 11 11.33 16.42 -13.46
N LEU C 12 10.36 16.14 -14.32
CA LEU C 12 9.08 16.82 -14.26
C LEU C 12 8.34 16.46 -12.98
N LEU C 13 8.49 15.20 -12.56
CA LEU C 13 7.86 14.74 -11.33
C LEU C 13 8.46 15.50 -10.15
N ASN C 14 9.78 15.58 -10.11
CA ASN C 14 10.46 16.29 -9.01
C ASN C 14 10.12 17.75 -8.95
N ARG C 15 9.73 18.32 -10.09
CA ARG C 15 9.34 19.73 -10.16
C ARG C 15 8.08 19.89 -9.30
N GLN C 16 7.19 18.91 -9.38
CA GLN C 16 5.96 18.96 -8.60
C GLN C 16 6.23 18.59 -7.15
N VAL C 17 7.24 17.75 -6.92
CA VAL C 17 7.61 17.39 -5.56
C VAL C 17 8.05 18.70 -4.89
N ALA C 18 8.85 19.47 -5.60
CA ALA C 18 9.32 20.75 -5.09
C ALA C 18 8.16 21.71 -4.85
N ASN C 19 7.24 21.79 -5.81
CA ASN C 19 6.08 22.66 -5.67
C ASN C 19 5.23 22.34 -4.46
N TRP C 20 4.96 21.05 -4.25
CA TRP C 20 4.14 20.65 -3.11
C TRP C 20 4.86 20.76 -1.77
N VAL C 21 6.19 20.69 -1.78
CA VAL C 21 6.95 20.83 -0.55
C VAL C 21 6.82 22.30 -0.16
N VAL C 22 6.87 23.18 -1.15
CA VAL C 22 6.71 24.61 -0.90
C VAL C 22 5.28 24.87 -0.42
N LEU C 23 4.31 24.29 -1.13
CA LEU C 23 2.90 24.48 -0.77
C LEU C 23 2.51 23.95 0.60
N TYR C 24 3.16 22.87 1.04
CA TYR C 24 2.87 22.31 2.35
C TYR C 24 3.09 23.40 3.39
N VAL C 25 4.17 24.15 3.25
CA VAL C 25 4.47 25.22 4.19
C VAL C 25 3.66 26.50 3.91
N LYS C 26 3.38 26.76 2.64
CA LYS C 26 2.61 27.94 2.27
C LYS C 26 1.18 27.83 2.81
N LEU C 27 0.61 26.65 2.69
CA LEU C 27 -0.76 26.40 3.17
C LEU C 27 -0.80 26.46 4.70
N HIS C 28 0.29 26.08 5.35
CA HIS C 28 0.38 26.17 6.81
C HIS C 28 0.40 27.66 7.14
N ASN C 29 1.14 28.42 6.34
CA ASN C 29 1.25 29.86 6.53
C ASN C 29 -0.14 30.49 6.55
N PHE C 30 -0.94 30.16 5.56
CA PHE C 30 -2.30 30.68 5.46
C PHE C 30 -3.19 30.15 6.58
N HIS C 31 -3.00 28.87 6.92
CA HIS C 31 -3.74 28.20 7.99
C HIS C 31 -3.52 28.97 9.30
N TRP C 32 -2.27 29.38 9.53
CA TRP C 32 -1.89 30.10 10.72
C TRP C 32 -2.24 31.59 10.76
N ASN C 33 -1.94 32.30 9.68
CA ASN C 33 -2.13 33.74 9.63
C ASN C 33 -3.47 34.30 9.16
N VAL C 34 -4.35 33.47 8.63
CA VAL C 34 -5.63 33.98 8.17
C VAL C 34 -6.39 34.59 9.36
N ASN C 35 -7.21 35.60 9.08
CA ASN C 35 -8.02 36.23 10.12
C ASN C 35 -9.25 36.84 9.47
N GLY C 36 -10.14 37.39 10.29
CA GLY C 36 -11.37 37.96 9.75
C GLY C 36 -12.52 37.01 10.03
N PRO C 37 -13.76 37.38 9.64
CA PRO C 37 -14.98 36.60 9.84
C PRO C 37 -14.96 35.18 9.28
N ASN C 38 -14.13 34.93 8.27
CA ASN C 38 -14.05 33.60 7.71
C ASN C 38 -12.87 32.81 8.24
N PHE C 39 -12.33 33.26 9.36
CA PHE C 39 -11.19 32.59 9.98
C PHE C 39 -11.37 31.08 10.18
N PHE C 40 -12.46 30.69 10.84
CA PHE C 40 -12.67 29.29 11.10
C PHE C 40 -12.85 28.45 9.85
N THR C 41 -13.58 28.97 8.87
CA THR C 41 -13.79 28.27 7.62
C THR C 41 -12.48 28.09 6.85
N LEU C 42 -11.72 29.17 6.73
CA LEU C 42 -10.45 29.11 6.00
C LEU C 42 -9.35 28.37 6.78
N HIS C 43 -9.33 28.56 8.09
CA HIS C 43 -8.35 27.87 8.93
C HIS C 43 -8.50 26.38 8.65
N GLU C 44 -9.75 25.93 8.55
CA GLU C 44 -10.06 24.53 8.29
C GLU C 44 -9.74 24.13 6.85
N LYS C 45 -10.12 24.99 5.90
CA LYS C 45 -9.86 24.71 4.48
C LYS C 45 -8.37 24.52 4.22
N PHE C 46 -7.56 25.42 4.74
CA PHE C 46 -6.13 25.35 4.54
C PHE C 46 -5.52 24.08 5.15
N GLU C 47 -6.10 23.59 6.24
CA GLU C 47 -5.57 22.36 6.83
C GLU C 47 -5.88 21.21 5.88
N GLU C 48 -7.09 21.21 5.34
CA GLU C 48 -7.52 20.19 4.39
C GLU C 48 -6.54 20.17 3.22
N LEU C 49 -6.19 21.36 2.74
CA LEU C 49 -5.26 21.48 1.62
C LEU C 49 -3.81 21.10 1.94
N TYR C 50 -3.28 21.47 3.10
CA TYR C 50 -1.90 21.06 3.36
C TYR C 50 -1.84 19.55 3.66
N THR C 51 -2.95 19.00 4.13
CA THR C 51 -3.00 17.57 4.41
C THR C 51 -2.92 16.85 3.05
N GLU C 52 -3.59 17.40 2.04
CA GLU C 52 -3.54 16.82 0.71
C GLU C 52 -2.14 17.02 0.15
N ALA C 53 -1.53 18.17 0.46
CA ALA C 53 -0.18 18.47 -0.01
C ALA C 53 0.78 17.40 0.49
N SER C 54 0.65 17.07 1.77
CA SER C 54 1.49 16.05 2.39
C SER C 54 1.36 14.73 1.62
N GLY C 55 0.15 14.42 1.18
CA GLY C 55 -0.09 13.21 0.41
C GLY C 55 0.54 13.26 -0.98
N HIS C 56 0.48 14.42 -1.63
CA HIS C 56 1.06 14.56 -2.97
C HIS C 56 2.58 14.42 -2.90
N ILE C 57 3.18 15.01 -1.89
CA ILE C 57 4.63 14.95 -1.71
C ILE C 57 5.11 13.50 -1.72
N ASP C 58 4.48 12.67 -0.90
CA ASP C 58 4.87 11.27 -0.79
C ASP C 58 4.60 10.45 -2.04
N THR C 59 3.42 10.60 -2.64
CA THR C 59 3.08 9.85 -3.84
C THR C 59 3.98 10.24 -5.01
N LEU C 60 4.20 11.54 -5.19
CA LEU C 60 5.06 12.01 -6.28
C LEU C 60 6.50 11.51 -6.12
N ALA C 61 7.05 11.67 -4.92
CA ALA C 61 8.42 11.22 -4.67
C ALA C 61 8.56 9.72 -4.85
N GLU C 62 7.58 8.96 -4.38
CA GLU C 62 7.66 7.52 -4.52
C GLU C 62 7.46 7.04 -5.95
N ARG C 63 6.77 7.84 -6.76
CA ARG C 63 6.60 7.49 -8.16
C ARG C 63 7.96 7.70 -8.82
N VAL C 64 8.68 8.74 -8.39
CA VAL C 64 10.02 9.01 -8.92
C VAL C 64 10.88 7.79 -8.64
N LEU C 65 10.84 7.30 -7.41
CA LEU C 65 11.60 6.12 -7.03
C LEU C 65 11.19 4.91 -7.85
N SER C 66 9.89 4.78 -8.08
CA SER C 66 9.35 3.66 -8.83
C SER C 66 9.79 3.60 -10.29
N ILE C 67 10.24 4.73 -10.81
CA ILE C 67 10.70 4.75 -12.20
C ILE C 67 12.22 4.88 -12.28
N GLY C 68 12.90 4.71 -11.14
CA GLY C 68 14.35 4.78 -11.15
C GLY C 68 15.05 6.09 -10.86
N GLY C 69 14.31 7.13 -10.47
CA GLY C 69 14.96 8.40 -10.18
C GLY C 69 15.15 8.62 -8.68
N SER C 70 15.65 9.79 -8.32
CA SER C 70 15.83 10.17 -6.93
C SER C 70 14.99 11.41 -6.69
N PRO C 71 14.12 11.37 -5.69
CA PRO C 71 13.25 12.50 -5.37
C PRO C 71 13.90 13.71 -4.72
N ILE C 72 13.38 14.88 -5.03
CA ILE C 72 13.91 16.07 -4.41
C ILE C 72 13.50 15.94 -2.96
N ALA C 73 14.50 16.02 -2.09
CA ALA C 73 14.26 15.82 -0.67
C ALA C 73 15.02 16.71 0.29
N THR C 74 15.04 18.00 -0.01
CA THR C 74 15.68 19.01 0.83
C THR C 74 14.90 20.28 0.55
N LEU C 75 14.90 21.20 1.50
CA LEU C 75 14.19 22.46 1.29
C LEU C 75 14.95 23.31 0.28
N ALA C 76 16.27 23.21 0.30
CA ALA C 76 17.10 23.97 -0.62
C ALA C 76 16.79 23.63 -2.06
N ALA C 77 16.74 22.34 -2.36
CA ALA C 77 16.43 21.86 -3.71
C ALA C 77 14.98 22.17 -4.09
N SER C 78 14.09 22.14 -3.12
CA SER C 78 12.67 22.42 -3.39
C SER C 78 12.51 23.87 -3.80
N LEU C 79 13.14 24.77 -3.05
CA LEU C 79 13.08 26.20 -3.33
C LEU C 79 13.68 26.48 -4.71
N GLU C 80 14.75 25.76 -5.01
CA GLU C 80 15.45 25.91 -6.26
C GLU C 80 14.65 25.51 -7.48
N GLU C 81 13.92 24.40 -7.37
CA GLU C 81 13.15 23.90 -8.51
C GLU C 81 11.68 24.32 -8.58
N ALA C 82 11.08 24.68 -7.45
CA ALA C 82 9.66 25.05 -7.43
C ALA C 82 9.34 26.29 -8.26
N SER C 83 8.17 26.27 -8.90
CA SER C 83 7.69 27.40 -9.69
C SER C 83 6.73 28.18 -8.82
N ILE C 84 6.36 27.60 -7.68
CA ILE C 84 5.46 28.23 -6.72
C ILE C 84 6.24 29.14 -5.77
N LYS C 85 5.73 30.36 -5.54
CA LYS C 85 6.42 31.27 -4.63
C LYS C 85 5.87 31.16 -3.21
N GLU C 86 6.75 31.39 -2.24
CA GLU C 86 6.36 31.30 -0.83
C GLU C 86 5.49 32.49 -0.46
N ALA C 87 4.72 32.36 0.61
CA ALA C 87 3.84 33.43 1.05
C ALA C 87 4.64 34.66 1.44
N THR C 88 4.02 35.83 1.36
CA THR C 88 4.69 37.08 1.69
C THR C 88 4.64 37.32 3.19
N GLY C 89 3.58 36.82 3.82
CA GLY C 89 3.43 36.99 5.25
C GLY C 89 2.35 38.00 5.57
N GLY C 90 2.00 38.84 4.59
CA GLY C 90 0.98 39.86 4.83
C GLY C 90 -0.32 39.69 4.05
N GLU C 91 -0.56 38.49 3.51
CA GLU C 91 -1.79 38.29 2.73
C GLU C 91 -3.06 38.41 3.54
N SER C 92 -4.06 39.06 2.97
CA SER C 92 -5.36 39.19 3.64
C SER C 92 -6.03 37.85 3.36
N ALA C 93 -7.12 37.58 4.06
CA ALA C 93 -7.83 36.32 3.87
C ALA C 93 -8.19 36.09 2.40
N ALA C 94 -8.72 37.12 1.75
CA ALA C 94 -9.09 37.00 0.35
C ALA C 94 -7.87 36.79 -0.56
N GLU C 95 -6.76 37.44 -0.24
CA GLU C 95 -5.56 37.28 -1.03
C GLU C 95 -4.99 35.88 -0.87
N MET C 96 -5.20 35.26 0.29
CA MET C 96 -4.74 33.90 0.52
C MET C 96 -5.50 32.97 -0.42
N VAL C 97 -6.82 33.08 -0.41
CA VAL C 97 -7.65 32.24 -1.28
C VAL C 97 -7.27 32.48 -2.73
N SER C 98 -7.14 33.76 -3.09
CA SER C 98 -6.78 34.14 -4.44
C SER C 98 -5.41 33.57 -4.83
N SER C 99 -4.50 33.53 -3.85
CA SER C 99 -3.17 32.99 -4.07
C SER C 99 -3.22 31.48 -4.35
N VAL C 100 -4.06 30.77 -3.61
CA VAL C 100 -4.18 29.34 -3.82
C VAL C 100 -4.79 29.09 -5.20
N VAL C 101 -5.72 29.95 -5.59
CA VAL C 101 -6.34 29.82 -6.90
C VAL C 101 -5.26 29.98 -7.97
N ASN C 102 -4.43 31.01 -7.84
CA ASN C 102 -3.36 31.25 -8.80
C ASN C 102 -2.39 30.07 -8.84
N ASP C 103 -1.97 29.59 -7.68
CA ASP C 103 -1.04 28.47 -7.62
C ASP C 103 -1.62 27.20 -8.24
N PHE C 104 -2.84 26.85 -7.85
CA PHE C 104 -3.47 25.66 -8.39
C PHE C 104 -3.65 25.77 -9.90
N VAL C 105 -3.98 26.97 -10.37
CA VAL C 105 -4.16 27.17 -11.81
C VAL C 105 -2.83 26.94 -12.52
N ASP C 106 -1.74 27.41 -11.92
CA ASP C 106 -0.42 27.23 -12.49
C ASP C 106 -0.09 25.74 -12.53
N LEU C 107 -0.35 25.04 -11.43
CA LEU C 107 -0.09 23.61 -11.34
C LEU C 107 -0.89 22.80 -12.36
N VAL C 108 -2.13 23.20 -12.59
CA VAL C 108 -2.96 22.48 -13.57
C VAL C 108 -2.26 22.54 -14.93
N GLY C 109 -1.74 23.72 -15.26
CA GLY C 109 -1.06 23.90 -16.52
C GLY C 109 0.19 23.02 -16.58
N GLU C 110 0.95 23.01 -15.50
CA GLU C 110 2.17 22.21 -15.46
C GLU C 110 1.85 20.72 -15.48
N LEU C 111 0.75 20.33 -14.83
CA LEU C 111 0.38 18.93 -14.79
C LEU C 111 0.00 18.44 -16.18
N LYS C 112 -0.64 19.29 -16.98
CA LYS C 112 -1.01 18.91 -18.34
C LYS C 112 0.25 18.65 -19.16
N VAL C 113 1.24 19.54 -19.03
CA VAL C 113 2.50 19.38 -19.75
C VAL C 113 3.24 18.10 -19.33
N ALA C 114 3.33 17.87 -18.03
CA ALA C 114 4.01 16.70 -17.49
C ALA C 114 3.34 15.40 -17.95
N ARG C 115 2.02 15.38 -17.94
CA ARG C 115 1.28 14.20 -18.36
C ARG C 115 1.58 13.88 -19.82
N ASP C 116 1.62 14.93 -20.65
CA ASP C 116 1.91 14.74 -22.06
C ASP C 116 3.29 14.13 -22.25
N VAL C 117 4.25 14.58 -21.46
CA VAL C 117 5.60 14.06 -21.54
C VAL C 117 5.62 12.60 -21.06
N ALA C 118 4.91 12.32 -19.97
CA ALA C 118 4.86 10.97 -19.45
C ALA C 118 4.20 10.05 -20.47
N ASP C 119 3.12 10.52 -21.08
CA ASP C 119 2.42 9.73 -22.09
C ASP C 119 3.33 9.40 -23.28
N GLU C 120 4.15 10.37 -23.67
CA GLU C 120 5.07 10.19 -24.78
C GLU C 120 6.18 9.20 -24.46
N ALA C 121 6.48 9.04 -23.17
CA ALA C 121 7.52 8.11 -22.74
C ALA C 121 6.86 6.77 -22.41
N ASP C 122 5.59 6.67 -22.77
CA ASP C 122 4.81 5.47 -22.50
C ASP C 122 4.78 5.16 -21.00
N ASP C 123 4.72 6.21 -20.19
CA ASP C 123 4.66 6.05 -18.75
C ASP C 123 3.27 6.50 -18.33
N GLU C 124 2.28 5.68 -18.67
CA GLU C 124 0.87 5.97 -18.38
C GLU C 124 0.57 6.01 -16.88
N ALA C 125 1.27 5.19 -16.11
CA ALA C 125 1.05 5.15 -14.66
C ALA C 125 1.38 6.51 -14.07
N THR C 126 2.44 7.13 -14.55
CA THR C 126 2.82 8.45 -14.06
C THR C 126 1.77 9.47 -14.50
N ALA C 127 1.36 9.40 -15.76
CA ALA C 127 0.36 10.32 -16.28
C ALA C 127 -0.92 10.23 -15.46
N ASP C 128 -1.33 9.01 -15.14
CA ASP C 128 -2.55 8.79 -14.39
C ASP C 128 -2.49 9.42 -12.99
N MET C 129 -1.37 9.25 -12.30
CA MET C 129 -1.24 9.83 -10.96
C MET C 129 -1.31 11.35 -11.04
N LEU C 130 -0.64 11.91 -12.04
CA LEU C 130 -0.64 13.36 -12.21
C LEU C 130 -2.05 13.85 -12.52
N ASP C 131 -2.78 13.06 -13.30
CA ASP C 131 -4.14 13.41 -13.68
C ASP C 131 -5.03 13.48 -12.43
N ALA C 132 -4.86 12.52 -11.52
CA ALA C 132 -5.65 12.51 -10.29
C ALA C 132 -5.41 13.78 -9.48
N ILE C 133 -4.17 14.26 -9.41
CA ILE C 133 -3.90 15.49 -8.67
C ILE C 133 -4.56 16.64 -9.41
N GLU C 134 -4.42 16.67 -10.73
CA GLU C 134 -4.99 17.73 -11.57
C GLU C 134 -6.51 17.84 -11.38
N ALA C 135 -7.21 16.71 -11.46
CA ALA C 135 -8.66 16.70 -11.31
C ALA C 135 -9.08 17.32 -9.98
N GLY C 136 -8.35 16.97 -8.93
CA GLY C 136 -8.64 17.51 -7.61
C GLY C 136 -8.44 19.02 -7.53
N LEU C 137 -7.38 19.52 -8.17
CA LEU C 137 -7.10 20.95 -8.17
C LEU C 137 -8.17 21.73 -8.92
N GLU C 138 -8.61 21.19 -10.05
CA GLU C 138 -9.64 21.85 -10.84
C GLU C 138 -10.92 22.00 -10.01
N LYS C 139 -11.22 21.01 -9.19
CA LYS C 139 -12.43 21.07 -8.36
C LYS C 139 -12.23 22.13 -7.26
N HIS C 140 -11.05 22.14 -6.64
CA HIS C 140 -10.76 23.13 -5.61
C HIS C 140 -10.83 24.53 -6.21
N VAL C 141 -10.34 24.67 -7.43
CA VAL C 141 -10.34 25.97 -8.09
C VAL C 141 -11.75 26.53 -8.25
N TRP C 142 -12.70 25.68 -8.66
CA TRP C 142 -14.09 26.16 -8.78
C TRP C 142 -14.59 26.67 -7.43
N MET C 143 -14.40 25.87 -6.39
CA MET C 143 -14.86 26.26 -5.06
C MET C 143 -14.23 27.54 -4.53
N LEU C 144 -12.92 27.66 -4.64
CA LEU C 144 -12.22 28.84 -4.14
C LEU C 144 -12.61 30.10 -4.91
N GLU C 145 -12.82 29.97 -6.21
CA GLU C 145 -13.24 31.12 -7.00
C GLU C 145 -14.67 31.52 -6.64
N ALA C 146 -15.53 30.54 -6.37
CA ALA C 146 -16.91 30.81 -6.00
C ALA C 146 -16.91 31.61 -4.69
N PHE C 147 -16.05 31.21 -3.77
CA PHE C 147 -15.91 31.87 -2.48
C PHE C 147 -15.59 33.35 -2.66
N LEU C 148 -14.74 33.64 -3.64
CA LEU C 148 -14.31 35.01 -3.92
C LEU C 148 -15.31 35.87 -4.68
N GLU C 149 -16.31 35.25 -5.29
CA GLU C 149 -17.33 35.99 -6.04
C GLU C 149 -18.22 36.82 -5.12
N GLN D 6 19.43 37.12 26.08
CA GLN D 6 18.55 35.97 25.70
C GLN D 6 17.43 36.45 24.78
N GLN D 7 16.62 35.51 24.28
CA GLN D 7 15.56 35.86 23.34
C GLN D 7 14.10 35.75 23.77
N LEU D 8 13.23 36.19 22.86
CA LEU D 8 11.79 36.15 23.03
C LEU D 8 11.42 34.67 23.05
N VAL D 9 10.39 34.34 23.81
CA VAL D 9 9.88 32.97 23.83
C VAL D 9 9.45 32.63 22.40
N ALA D 10 8.82 33.58 21.73
CA ALA D 10 8.37 33.36 20.36
C ALA D 10 9.55 33.06 19.44
N VAL D 11 10.69 33.68 19.70
CA VAL D 11 11.88 33.44 18.88
C VAL D 11 12.40 32.02 19.06
N LEU D 12 12.44 31.56 20.30
CA LEU D 12 12.90 30.21 20.58
C LEU D 12 11.92 29.18 20.02
N LEU D 13 10.64 29.51 20.08
CA LEU D 13 9.59 28.63 19.55
C LEU D 13 9.78 28.50 18.03
N ASN D 14 9.97 29.63 17.36
CA ASN D 14 10.15 29.63 15.92
C ASN D 14 11.40 28.89 15.49
N ARG D 15 12.38 28.80 16.38
CA ARG D 15 13.62 28.08 16.10
C ARG D 15 13.26 26.60 15.92
N GLN D 16 12.34 26.13 16.75
CA GLN D 16 11.92 24.74 16.66
C GLN D 16 10.97 24.54 15.50
N VAL D 17 10.21 25.58 15.17
CA VAL D 17 9.31 25.49 14.02
C VAL D 17 10.19 25.26 12.81
N ALA D 18 11.28 26.01 12.72
CA ALA D 18 12.23 25.89 11.63
C ALA D 18 12.86 24.50 11.61
N ASN D 19 13.26 24.02 12.78
CA ASN D 19 13.88 22.71 12.90
C ASN D 19 12.96 21.59 12.42
N TRP D 20 11.70 21.63 12.84
CA TRP D 20 10.75 20.60 12.45
C TRP D 20 10.32 20.70 10.99
N VAL D 21 10.36 21.91 10.42
CA VAL D 21 10.00 22.07 9.02
C VAL D 21 11.11 21.38 8.22
N VAL D 22 12.36 21.57 8.67
CA VAL D 22 13.49 20.93 8.02
C VAL D 22 13.37 19.40 8.19
N LEU D 23 13.10 18.96 9.42
CA LEU D 23 12.98 17.54 9.71
C LEU D 23 11.84 16.84 8.97
N TYR D 24 10.75 17.57 8.73
CA TYR D 24 9.63 16.96 8.01
C TYR D 24 10.14 16.44 6.66
N VAL D 25 10.98 17.24 6.00
CA VAL D 25 11.52 16.84 4.71
C VAL D 25 12.69 15.88 4.84
N LYS D 26 13.49 16.03 5.89
CA LYS D 26 14.63 15.16 6.11
C LYS D 26 14.16 13.73 6.37
N LEU D 27 13.11 13.59 7.17
CA LEU D 27 12.56 12.30 7.49
C LEU D 27 11.92 11.67 6.26
N HIS D 28 11.37 12.50 5.38
CA HIS D 28 10.80 12.02 4.12
C HIS D 28 11.94 11.48 3.29
N ASN D 29 13.06 12.20 3.32
CA ASN D 29 14.25 11.83 2.58
C ASN D 29 14.67 10.41 2.98
N PHE D 30 14.75 10.17 4.28
CA PHE D 30 15.15 8.86 4.79
C PHE D 30 14.07 7.81 4.48
N HIS D 31 12.82 8.22 4.59
CA HIS D 31 11.68 7.36 4.31
C HIS D 31 11.79 6.84 2.87
N TRP D 32 12.16 7.72 1.97
CA TRP D 32 12.29 7.41 0.55
C TRP D 32 13.55 6.69 0.14
N ASN D 33 14.69 7.15 0.63
CA ASN D 33 15.98 6.58 0.23
C ASN D 33 16.58 5.43 1.01
N VAL D 34 15.98 5.08 2.15
CA VAL D 34 16.52 3.97 2.92
C VAL D 34 16.44 2.68 2.10
N ASN D 35 17.37 1.77 2.33
CA ASN D 35 17.38 0.49 1.62
C ASN D 35 18.09 -0.54 2.50
N GLY D 36 18.14 -1.78 2.04
CA GLY D 36 18.79 -2.82 2.83
C GLY D 36 17.72 -3.69 3.48
N PRO D 37 18.12 -4.72 4.23
CA PRO D 37 17.22 -5.66 4.91
C PRO D 37 16.21 -5.03 5.89
N ASN D 38 16.52 -3.85 6.41
CA ASN D 38 15.61 -3.20 7.32
C ASN D 38 14.78 -2.12 6.63
N PHE D 39 14.71 -2.19 5.30
CA PHE D 39 13.95 -1.22 4.52
C PHE D 39 12.51 -1.02 5.00
N PHE D 40 11.76 -2.11 5.10
CA PHE D 40 10.37 -2.01 5.51
C PHE D 40 10.18 -1.46 6.91
N THR D 41 11.03 -1.89 7.84
CA THR D 41 10.96 -1.40 9.22
C THR D 41 11.27 0.09 9.30
N LEU D 42 12.35 0.50 8.65
CA LEU D 42 12.75 1.90 8.67
C LEU D 42 11.85 2.79 7.82
N HIS D 43 11.42 2.27 6.67
CA HIS D 43 10.52 3.02 5.80
C HIS D 43 9.31 3.42 6.64
N GLU D 44 8.84 2.47 7.45
CA GLU D 44 7.69 2.70 8.32
C GLU D 44 8.02 3.63 9.49
N LYS D 45 9.18 3.41 10.12
CA LYS D 45 9.59 4.25 11.24
C LYS D 45 9.68 5.72 10.84
N PHE D 46 10.33 5.97 9.71
CA PHE D 46 10.49 7.35 9.25
C PHE D 46 9.15 8.01 8.93
N GLU D 47 8.15 7.24 8.50
CA GLU D 47 6.84 7.84 8.23
C GLU D 47 6.23 8.24 9.57
N GLU D 48 6.36 7.36 10.56
CA GLU D 48 5.85 7.63 11.89
C GLU D 48 6.45 8.94 12.40
N LEU D 49 7.75 9.10 12.19
CA LEU D 49 8.46 10.30 12.64
C LEU D 49 8.10 11.56 11.86
N TYR D 50 7.96 11.50 10.54
CA TYR D 50 7.61 12.73 9.84
C TYR D 50 6.14 13.09 10.12
N THR D 51 5.34 12.09 10.45
CA THR D 51 3.95 12.36 10.78
C THR D 51 3.94 13.15 12.09
N GLU D 52 4.80 12.75 13.02
CA GLU D 52 4.91 13.46 14.29
C GLU D 52 5.47 14.85 14.02
N ALA D 53 6.41 14.95 13.08
CA ALA D 53 7.01 16.22 12.71
C ALA D 53 5.92 17.20 12.27
N SER D 54 5.04 16.71 11.42
CA SER D 54 3.93 17.51 10.90
C SER D 54 3.11 18.06 12.07
N GLY D 55 2.94 17.24 13.11
CA GLY D 55 2.17 17.67 14.27
C GLY D 55 2.90 18.72 15.08
N HIS D 56 4.22 18.58 15.21
CA HIS D 56 5.00 19.55 15.97
C HIS D 56 4.98 20.91 15.29
N ILE D 57 5.12 20.89 13.97
CA ILE D 57 5.11 22.13 13.18
C ILE D 57 3.88 22.97 13.50
N ASP D 58 2.71 22.35 13.43
CA ASP D 58 1.46 23.04 13.68
C ASP D 58 1.29 23.50 15.12
N THR D 59 1.57 22.63 16.08
CA THR D 59 1.41 23.00 17.48
C THR D 59 2.37 24.13 17.87
N LEU D 60 3.63 24.03 17.44
CA LEU D 60 4.62 25.04 17.75
C LEU D 60 4.25 26.40 17.14
N ALA D 61 3.90 26.41 15.86
CA ALA D 61 3.52 27.63 15.19
C ALA D 61 2.28 28.26 15.82
N GLU D 62 1.30 27.43 16.17
CA GLU D 62 0.09 27.96 16.78
C GLU D 62 0.31 28.45 18.21
N ARG D 63 1.32 27.91 18.88
CA ARG D 63 1.63 28.38 20.22
C ARG D 63 2.24 29.77 20.06
N VAL D 64 3.03 29.95 19.00
CA VAL D 64 3.63 31.26 18.71
C VAL D 64 2.51 32.27 18.55
N LEU D 65 1.51 31.92 17.75
CA LEU D 65 0.37 32.79 17.52
C LEU D 65 -0.37 33.07 18.82
N SER D 66 -0.52 32.04 19.64
CA SER D 66 -1.23 32.15 20.91
C SER D 66 -0.56 33.11 21.90
N ILE D 67 0.72 33.39 21.71
CA ILE D 67 1.41 34.30 22.61
C ILE D 67 1.70 35.64 21.94
N GLY D 68 1.12 35.85 20.75
CA GLY D 68 1.29 37.12 20.06
C GLY D 68 2.40 37.27 19.04
N GLY D 69 3.07 36.18 18.68
CA GLY D 69 4.12 36.27 17.68
C GLY D 69 3.66 35.81 16.31
N SER D 70 4.58 35.78 15.35
CA SER D 70 4.28 35.33 13.99
C SER D 70 5.21 34.15 13.74
N PRO D 71 4.63 33.01 13.34
CA PRO D 71 5.41 31.79 13.08
C PRO D 71 6.25 31.80 11.82
N ILE D 72 7.37 31.11 11.85
CA ILE D 72 8.19 31.02 10.67
C ILE D 72 7.36 30.13 9.74
N ALA D 73 7.14 30.66 8.55
CA ALA D 73 6.29 29.98 7.60
C ALA D 73 6.72 30.04 6.14
N THR D 74 8.01 29.82 5.90
CA THR D 74 8.57 29.79 4.55
C THR D 74 9.75 28.85 4.68
N LEU D 75 10.16 28.23 3.58
CA LEU D 75 11.28 27.32 3.60
C LEU D 75 12.57 28.12 3.77
N ALA D 76 12.60 29.30 3.17
CA ALA D 76 13.78 30.17 3.25
C ALA D 76 14.09 30.52 4.70
N ALA D 77 13.07 30.95 5.44
CA ALA D 77 13.25 31.33 6.84
C ALA D 77 13.54 30.10 7.71
N SER D 78 12.99 28.95 7.34
CA SER D 78 13.23 27.73 8.10
C SER D 78 14.69 27.33 7.99
N LEU D 79 15.20 27.34 6.75
CA LEU D 79 16.60 26.99 6.49
C LEU D 79 17.52 27.95 7.22
N GLU D 80 17.12 29.22 7.23
CA GLU D 80 17.89 30.26 7.86
C GLU D 80 18.01 30.12 9.37
N GLU D 81 16.91 29.77 10.03
CA GLU D 81 16.89 29.64 11.48
C GLU D 81 17.15 28.26 12.07
N ALA D 82 16.94 27.20 11.29
CA ALA D 82 17.12 25.84 11.78
C ALA D 82 18.57 25.51 12.14
N SER D 83 18.74 24.72 13.20
CA SER D 83 20.07 24.29 13.64
C SER D 83 20.26 22.89 13.07
N ILE D 84 19.18 22.30 12.57
CA ILE D 84 19.22 20.97 11.97
C ILE D 84 19.67 21.06 10.52
N LYS D 85 20.61 20.22 10.13
CA LYS D 85 21.10 20.22 8.75
C LYS D 85 20.22 19.30 7.92
N GLU D 86 20.19 19.54 6.61
CA GLU D 86 19.41 18.72 5.71
C GLU D 86 20.22 17.45 5.40
N ALA D 87 19.55 16.43 4.88
CA ALA D 87 20.23 15.18 4.55
C ALA D 87 21.25 15.42 3.45
N THR D 88 22.26 14.55 3.37
CA THR D 88 23.28 14.64 2.34
C THR D 88 22.83 13.98 1.05
N GLY D 89 21.99 12.97 1.18
CA GLY D 89 21.49 12.25 0.02
C GLY D 89 22.17 10.90 -0.12
N GLY D 90 23.30 10.72 0.55
CA GLY D 90 24.01 9.45 0.48
C GLY D 90 24.11 8.66 1.77
N GLU D 91 23.25 8.95 2.75
CA GLU D 91 23.29 8.23 4.01
C GLU D 91 22.89 6.76 3.86
N SER D 92 23.61 5.89 4.55
CA SER D 92 23.29 4.46 4.55
C SER D 92 22.14 4.35 5.55
N ALA D 93 21.49 3.20 5.60
CA ALA D 93 20.38 3.00 6.54
C ALA D 93 20.81 3.32 7.97
N ALA D 94 21.96 2.80 8.38
CA ALA D 94 22.46 3.02 9.73
C ALA D 94 22.78 4.48 9.98
N GLU D 95 23.34 5.15 8.99
CA GLU D 95 23.67 6.56 9.13
C GLU D 95 22.41 7.40 9.24
N MET D 96 21.32 6.95 8.61
CA MET D 96 20.05 7.67 8.71
C MET D 96 19.56 7.61 10.15
N VAL D 97 19.53 6.41 10.72
CA VAL D 97 19.10 6.24 12.10
C VAL D 97 20.01 7.05 13.02
N SER D 98 21.31 6.92 12.80
CA SER D 98 22.29 7.64 13.60
C SER D 98 22.09 9.15 13.48
N SER D 99 21.72 9.60 12.29
CA SER D 99 21.48 11.01 12.05
C SER D 99 20.27 11.50 12.84
N VAL D 100 19.21 10.70 12.88
CA VAL D 100 18.02 11.07 13.63
C VAL D 100 18.35 11.12 15.11
N VAL D 101 19.20 10.20 15.54
CA VAL D 101 19.61 10.17 16.94
C VAL D 101 20.34 11.48 17.27
N ASN D 102 21.28 11.86 16.41
CA ASN D 102 22.03 13.10 16.61
C ASN D 102 21.10 14.31 16.64
N ASP D 103 20.18 14.39 15.69
CA ASP D 103 19.25 15.51 15.61
C ASP D 103 18.35 15.57 16.83
N PHE D 104 17.74 14.45 17.19
CA PHE D 104 16.86 14.43 18.36
C PHE D 104 17.63 14.80 19.63
N VAL D 105 18.86 14.35 19.74
CA VAL D 105 19.68 14.67 20.91
C VAL D 105 19.93 16.18 20.97
N ASP D 106 20.19 16.78 19.80
CA ASP D 106 20.42 18.22 19.73
C ASP D 106 19.13 18.95 20.15
N LEU D 107 18.00 18.51 19.62
CA LEU D 107 16.71 19.12 19.95
C LEU D 107 16.37 19.02 21.45
N VAL D 108 16.71 17.88 22.06
CA VAL D 108 16.44 17.71 23.48
C VAL D 108 17.17 18.81 24.25
N GLY D 109 18.42 19.07 23.85
CA GLY D 109 19.20 20.10 24.50
C GLY D 109 18.56 21.47 24.30
N GLU D 110 18.16 21.75 23.06
CA GLU D 110 17.54 23.03 22.76
C GLU D 110 16.19 23.18 23.44
N LEU D 111 15.45 22.09 23.57
CA LEU D 111 14.15 22.14 24.22
C LEU D 111 14.30 22.47 25.72
N LYS D 112 15.36 21.95 26.34
CA LYS D 112 15.60 22.23 27.76
C LYS D 112 15.85 23.74 27.94
N VAL D 113 16.67 24.31 27.06
CA VAL D 113 16.98 25.74 27.14
C VAL D 113 15.72 26.59 26.91
N ALA D 114 14.95 26.24 25.87
CA ALA D 114 13.74 26.97 25.56
C ALA D 114 12.72 26.93 26.70
N ARG D 115 12.58 25.76 27.31
CA ARG D 115 11.65 25.61 28.42
C ARG D 115 12.05 26.52 29.57
N ASP D 116 13.36 26.56 29.86
CA ASP D 116 13.85 27.40 30.94
C ASP D 116 13.53 28.86 30.69
N VAL D 117 13.66 29.28 29.43
CA VAL D 117 13.36 30.65 29.06
C VAL D 117 11.86 30.91 29.19
N ALA D 118 11.06 29.95 28.75
CA ALA D 118 9.61 30.09 28.84
C ALA D 118 9.20 30.17 30.31
N ASP D 119 9.80 29.31 31.13
CA ASP D 119 9.48 29.30 32.55
C ASP D 119 9.81 30.65 33.20
N GLU D 120 10.93 31.23 32.79
CA GLU D 120 11.36 32.51 33.34
C GLU D 120 10.44 33.65 32.92
N ALA D 121 9.74 33.47 31.81
CA ALA D 121 8.81 34.49 31.33
C ALA D 121 7.42 34.15 31.84
N ASP D 122 7.36 33.21 32.77
CA ASP D 122 6.10 32.76 33.35
C ASP D 122 5.15 32.26 32.26
N ASP D 123 5.70 31.63 31.25
CA ASP D 123 4.91 31.08 30.16
C ASP D 123 4.99 29.56 30.28
N GLU D 124 4.33 29.04 31.32
CA GLU D 124 4.31 27.60 31.61
C GLU D 124 3.64 26.77 30.53
N ALA D 125 2.63 27.32 29.88
CA ALA D 125 1.93 26.60 28.81
C ALA D 125 2.90 26.27 27.69
N THR D 126 3.77 27.23 27.36
CA THR D 126 4.76 27.00 26.32
C THR D 126 5.75 25.94 26.78
N ALA D 127 6.22 26.07 28.02
CA ALA D 127 7.18 25.13 28.57
C ALA D 127 6.61 23.71 28.52
N ASP D 128 5.34 23.58 28.90
CA ASP D 128 4.69 22.28 28.92
C ASP D 128 4.61 21.63 27.55
N MET D 129 4.28 22.41 26.53
CA MET D 129 4.19 21.87 25.17
C MET D 129 5.58 21.41 24.71
N LEU D 130 6.59 22.21 25.02
CA LEU D 130 7.95 21.87 24.63
C LEU D 130 8.39 20.59 25.34
N ASP D 131 7.96 20.46 26.59
CA ASP D 131 8.31 19.29 27.40
C ASP D 131 7.72 18.02 26.79
N ALA D 132 6.49 18.10 26.30
CA ALA D 132 5.84 16.95 25.67
C ALA D 132 6.63 16.50 24.43
N ILE D 133 7.13 17.44 23.64
CA ILE D 133 7.93 17.07 22.47
C ILE D 133 9.23 16.42 22.96
N GLU D 134 9.85 17.03 23.96
CA GLU D 134 11.11 16.53 24.52
C GLU D 134 10.99 15.09 25.03
N ALA D 135 9.95 14.82 25.81
CA ALA D 135 9.74 13.49 26.37
C ALA D 135 9.65 12.45 25.25
N GLY D 136 8.94 12.81 24.18
CA GLY D 136 8.78 11.92 23.05
C GLY D 136 10.11 11.62 22.36
N LEU D 137 10.94 12.65 22.20
CA LEU D 137 12.23 12.49 21.55
C LEU D 137 13.15 11.61 22.37
N GLU D 138 13.14 11.79 23.68
CA GLU D 138 13.99 10.98 24.55
C GLU D 138 13.64 9.50 24.43
N LYS D 139 12.35 9.21 24.25
CA LYS D 139 11.92 7.83 24.10
C LYS D 139 12.39 7.30 22.75
N HIS D 140 12.23 8.10 21.70
CA HIS D 140 12.67 7.69 20.37
C HIS D 140 14.17 7.45 20.37
N VAL D 141 14.90 8.29 21.10
CA VAL D 141 16.35 8.16 21.16
C VAL D 141 16.78 6.81 21.74
N TRP D 142 16.12 6.36 22.80
CA TRP D 142 16.46 5.06 23.37
C TRP D 142 16.26 3.97 22.32
N MET D 143 15.10 3.98 21.67
CA MET D 143 14.79 2.97 20.67
C MET D 143 15.74 2.96 19.48
N LEU D 144 16.02 4.14 18.92
CA LEU D 144 16.91 4.22 17.77
C LEU D 144 18.35 3.80 18.11
N GLU D 145 18.80 4.13 19.32
CA GLU D 145 20.13 3.73 19.73
C GLU D 145 20.19 2.21 19.93
N ALA D 146 19.12 1.63 20.48
CA ALA D 146 19.06 0.20 20.70
C ALA D 146 19.18 -0.51 19.35
N PHE D 147 18.49 0.02 18.35
CA PHE D 147 18.50 -0.52 17.01
C PHE D 147 19.93 -0.59 16.47
N LEU D 148 20.72 0.44 16.76
CA LEU D 148 22.10 0.53 16.30
C LEU D 148 23.10 -0.33 17.07
N GLU D 149 22.73 -0.79 18.26
CA GLU D 149 23.63 -1.62 19.05
C GLU D 149 23.87 -2.99 18.43
#